data_7C8G
#
_entry.id   7C8G
#
_cell.length_a   44.902
_cell.length_b   45.603
_cell.length_c   305.876
_cell.angle_alpha   90.000
_cell.angle_beta   90.000
_cell.angle_gamma   90.000
#
_symmetry.space_group_name_H-M   'P 21 21 21'
#
loop_
_entity.id
_entity.type
_entity.pdbx_description
1 polymer 'Alginate lyase AlyC3'
2 non-polymer 'SUCCINIC ACID'
3 non-polymer GLYCEROL
4 water water
#
_entity_poly.entity_id   1
_entity_poly.type   'polypeptide(L)'
_entity_poly.pdbx_seq_one_letter_code
;NVQFSNQDGALGEPANYTQFQHVLTESELQISDAEGKKGNKEYFALDGNFTGIVNQYFYVDKKSEALVFKMKNDHLRNEV
RVHKNFRTDLPNKLYTLSAEVEIIDPVASMKNSNSKQNEITFLQVHNKGLDNQGTHNVPHPLLRVVWKEDANSVKGHFWA
MVKNNAVICKGSFGKKNKDKEMCKADVAYKKYDLGKAPLNKATAFDITVGNKQLIIDVDGKRLVEHDIDYWRHLLSYFKA
GVYNQFTNGMSEAHFNKLEYKALE
;
_entity_poly.pdbx_strand_id   A,B
#
loop_
_chem_comp.id
_chem_comp.type
_chem_comp.name
_chem_comp.formula
GOL non-polymer GLYCEROL 'C3 H8 O3'
SIN non-polymer 'SUCCINIC ACID' 'C4 H6 O4'
#
# COMPACT_ATOMS: atom_id res chain seq x y z
N ASN A 1 -21.58 0.73 -27.38
CA ASN A 1 -21.78 1.62 -28.52
C ASN A 1 -20.59 1.58 -29.47
N VAL A 2 -19.41 1.20 -28.96
CA VAL A 2 -18.25 1.07 -29.84
C VAL A 2 -18.58 0.09 -30.95
N GLN A 3 -18.34 0.49 -32.19
CA GLN A 3 -18.65 -0.32 -33.35
C GLN A 3 -17.36 -0.66 -34.10
N PHE A 4 -17.36 -1.82 -34.74
CA PHE A 4 -16.19 -2.34 -35.42
C PHE A 4 -16.51 -2.52 -36.90
N SER A 5 -15.54 -2.18 -37.74
CA SER A 5 -15.69 -2.21 -39.18
C SER A 5 -14.33 -1.89 -39.79
N ASN A 6 -13.99 -2.55 -40.90
CA ASN A 6 -12.77 -2.24 -41.61
C ASN A 6 -13.02 -1.30 -42.80
N GLN A 7 -14.17 -0.65 -42.81
CA GLN A 7 -14.56 0.26 -43.89
C GLN A 7 -14.45 -0.44 -45.25
N ASP A 8 -15.01 -1.65 -45.31
CA ASP A 8 -15.03 -2.49 -46.52
C ASP A 8 -13.63 -2.64 -47.13
N GLY A 9 -12.63 -2.81 -46.28
CA GLY A 9 -11.30 -3.12 -46.72
C GLY A 9 -10.35 -1.92 -46.76
N ALA A 10 -10.84 -0.72 -46.50
CA ALA A 10 -9.95 0.42 -46.39
C ALA A 10 -8.96 0.25 -45.24
N LEU A 11 -9.38 -0.39 -44.13
CA LEU A 11 -8.59 -0.48 -42.91
C LEU A 11 -8.06 -1.89 -42.71
N GLY A 12 -6.80 -2.02 -42.37
CA GLY A 12 -6.26 -3.32 -42.03
C GLY A 12 -6.70 -3.72 -40.63
N GLU A 13 -6.96 -5.01 -40.45
CA GLU A 13 -7.38 -5.53 -39.18
C GLU A 13 -6.16 -5.93 -38.37
N PRO A 14 -5.93 -5.34 -37.19
CA PRO A 14 -4.67 -5.58 -36.47
C PRO A 14 -4.34 -7.03 -36.22
N ALA A 15 -5.31 -7.87 -35.86
CA ALA A 15 -5.01 -9.27 -35.56
C ALA A 15 -4.43 -10.02 -36.75
N ASN A 16 -4.56 -9.49 -37.96
CA ASN A 16 -4.02 -10.13 -39.16
C ASN A 16 -2.61 -9.68 -39.53
N TYR A 17 -1.94 -8.91 -38.67
CA TYR A 17 -0.61 -8.42 -38.99
C TYR A 17 0.38 -9.05 -38.02
N THR A 18 1.27 -9.86 -38.59
CA THR A 18 2.10 -10.76 -37.79
C THR A 18 2.90 -10.03 -36.72
N GLN A 19 3.36 -8.80 -36.99
CA GLN A 19 4.25 -8.12 -36.04
C GLN A 19 3.51 -7.64 -34.79
N PHE A 20 2.17 -7.61 -34.81
CA PHE A 20 1.40 -7.18 -33.66
C PHE A 20 0.66 -8.32 -33.00
N GLN A 21 0.66 -9.51 -33.62
CA GLN A 21 -0.18 -10.60 -33.15
C GLN A 21 0.12 -10.97 -31.71
N HIS A 22 1.40 -11.06 -31.35
CA HIS A 22 1.68 -11.59 -30.02
C HIS A 22 1.32 -10.60 -28.92
N VAL A 23 1.57 -9.31 -29.14
CA VAL A 23 1.20 -8.38 -28.07
C VAL A 23 -0.32 -8.32 -27.94
N LEU A 24 -1.06 -8.49 -29.05
CA LEU A 24 -2.52 -8.49 -28.97
C LEU A 24 -3.03 -9.71 -28.21
N THR A 25 -2.46 -10.87 -28.48
CA THR A 25 -2.77 -12.08 -27.72
C THR A 25 -2.59 -11.87 -26.22
N GLU A 26 -1.66 -11.00 -25.82
CA GLU A 26 -1.35 -10.77 -24.40
C GLU A 26 -2.18 -9.65 -23.78
N SER A 27 -3.14 -9.10 -24.52
CA SER A 27 -3.75 -7.84 -24.13
C SER A 27 -5.26 -7.88 -24.32
N GLU A 28 -5.91 -6.81 -23.88
CA GLU A 28 -7.26 -6.46 -24.28
C GLU A 28 -7.26 -5.02 -24.78
N LEU A 29 -8.37 -4.62 -25.40
CA LEU A 29 -8.56 -3.27 -25.89
C LEU A 29 -9.50 -2.52 -24.94
N GLN A 30 -9.10 -1.32 -24.56
CA GLN A 30 -9.90 -0.44 -23.72
C GLN A 30 -10.08 0.85 -24.50
N ILE A 31 -11.29 1.08 -24.99
CA ILE A 31 -11.52 2.12 -25.98
C ILE A 31 -12.82 2.84 -25.65
N SER A 32 -12.79 4.17 -25.79
CA SER A 32 -13.96 4.99 -25.59
C SER A 32 -14.89 4.92 -26.79
N ASP A 33 -16.19 5.07 -26.50
CA ASP A 33 -17.16 5.45 -27.53
C ASP A 33 -16.94 6.92 -27.84
N ALA A 34 -16.42 7.21 -29.04
CA ALA A 34 -16.05 8.58 -29.37
C ALA A 34 -17.26 9.51 -29.48
N GLU A 35 -18.45 8.99 -29.72
CA GLU A 35 -19.67 9.78 -29.64
C GLU A 35 -20.28 9.76 -28.25
N GLY A 36 -19.64 9.07 -27.30
CA GLY A 36 -20.17 8.86 -25.97
C GLY A 36 -19.85 9.98 -25.01
N LYS A 37 -19.78 9.64 -23.74
CA LYS A 37 -19.72 10.70 -22.75
C LYS A 37 -18.31 10.74 -22.16
N LYS A 38 -18.00 11.88 -21.53
CA LYS A 38 -16.67 12.07 -20.99
C LYS A 38 -16.35 10.91 -20.06
N GLY A 39 -15.13 10.41 -20.17
CA GLY A 39 -14.66 9.35 -19.32
C GLY A 39 -15.10 7.96 -19.70
N ASN A 40 -16.06 7.83 -20.63
CA ASN A 40 -16.56 6.50 -20.93
C ASN A 40 -15.43 5.65 -21.51
N LYS A 41 -15.53 4.34 -21.29
CA LYS A 41 -14.63 3.41 -21.95
C LYS A 41 -15.25 2.03 -21.89
N GLU A 42 -14.90 1.21 -22.87
CA GLU A 42 -15.42 -0.13 -23.00
C GLU A 42 -14.27 -1.10 -23.25
N TYR A 43 -14.47 -2.35 -22.90
CA TYR A 43 -13.43 -3.35 -22.98
C TYR A 43 -13.81 -4.43 -23.99
N PHE A 44 -12.83 -4.84 -24.80
CA PHE A 44 -13.02 -5.88 -25.80
C PHE A 44 -11.80 -6.79 -25.79
N ALA A 45 -11.92 -7.93 -26.48
CA ALA A 45 -10.85 -8.92 -26.54
C ALA A 45 -10.29 -9.23 -25.16
N LEU A 46 -11.20 -9.47 -24.21
CA LEU A 46 -10.80 -9.73 -22.84
C LEU A 46 -9.90 -10.95 -22.72
N ASP A 47 -9.99 -11.89 -23.65
CA ASP A 47 -9.17 -13.08 -23.64
C ASP A 47 -7.99 -12.98 -24.60
N GLY A 48 -7.68 -11.78 -25.09
CA GLY A 48 -6.63 -11.61 -26.07
C GLY A 48 -7.00 -11.99 -27.48
N ASN A 49 -8.26 -12.34 -27.73
CA ASN A 49 -8.73 -12.66 -29.08
C ASN A 49 -9.18 -11.37 -29.76
N PHE A 50 -8.32 -10.82 -30.62
CA PHE A 50 -8.66 -9.59 -31.32
C PHE A 50 -9.33 -9.82 -32.68
N THR A 51 -9.82 -11.03 -32.95
CA THR A 51 -10.50 -11.27 -34.22
C THR A 51 -11.62 -10.27 -34.43
N GLY A 52 -11.62 -9.62 -35.60
CA GLY A 52 -12.65 -8.65 -35.94
C GLY A 52 -12.61 -7.35 -35.16
N ILE A 53 -11.59 -7.10 -34.34
CA ILE A 53 -11.51 -5.85 -33.58
C ILE A 53 -10.73 -4.86 -34.46
N VAL A 54 -11.46 -3.92 -35.07
CA VAL A 54 -10.90 -2.91 -35.96
C VAL A 54 -11.96 -1.84 -36.17
N ASN A 55 -11.55 -0.60 -36.35
CA ASN A 55 -12.46 0.49 -36.73
C ASN A 55 -11.62 1.70 -37.09
N GLN A 56 -12.29 2.81 -37.44
CA GLN A 56 -11.58 4.02 -37.81
C GLN A 56 -10.62 4.54 -36.73
N TYR A 57 -10.76 4.09 -35.48
CA TYR A 57 -9.87 4.55 -34.40
C TYR A 57 -8.75 3.57 -34.08
N PHE A 58 -8.89 2.33 -34.53
CA PHE A 58 -7.95 1.28 -34.14
C PHE A 58 -7.83 0.35 -35.33
N TYR A 59 -6.70 0.42 -36.03
CA TYR A 59 -6.55 -0.33 -37.27
C TYR A 59 -5.09 -0.32 -37.67
N VAL A 60 -4.76 -1.17 -38.64
CA VAL A 60 -3.44 -1.18 -39.24
C VAL A 60 -3.53 -0.48 -40.59
N ASP A 61 -2.68 0.52 -40.78
CA ASP A 61 -2.60 1.20 -42.07
C ASP A 61 -2.00 0.25 -43.09
N LYS A 62 -2.75 -0.03 -44.16
CA LYS A 62 -2.31 -1.03 -45.12
C LYS A 62 -1.02 -0.63 -45.83
N LYS A 63 -0.77 0.66 -45.98
CA LYS A 63 0.40 1.11 -46.74
C LYS A 63 1.67 1.07 -45.90
N SER A 64 1.59 1.53 -44.65
CA SER A 64 2.75 1.59 -43.76
C SER A 64 2.84 0.39 -42.84
N GLU A 65 1.75 -0.38 -42.68
CA GLU A 65 1.61 -1.41 -41.65
C GLU A 65 1.85 -0.85 -40.25
N ALA A 66 1.65 0.45 -40.07
CA ALA A 66 1.63 1.02 -38.73
C ALA A 66 0.32 0.67 -38.01
N LEU A 67 0.42 0.25 -36.73
CA LEU A 67 -0.76 0.10 -35.90
C LEU A 67 -1.20 1.50 -35.44
N VAL A 68 -2.41 1.89 -35.81
CA VAL A 68 -2.86 3.28 -35.67
C VAL A 68 -3.86 3.35 -34.53
N PHE A 69 -3.63 4.28 -33.60
CA PHE A 69 -4.54 4.55 -32.49
C PHE A 69 -5.00 6.00 -32.62
N LYS A 70 -6.31 6.21 -32.71
CA LYS A 70 -6.86 7.56 -32.68
C LYS A 70 -7.95 7.65 -31.63
N MET A 71 -8.24 8.87 -31.17
CA MET A 71 -9.34 9.20 -30.26
C MET A 71 -9.53 10.69 -30.21
N LYS A 72 -10.77 11.13 -30.04
CA LYS A 72 -11.08 12.51 -29.91
C LYS A 72 -11.72 12.75 -28.56
N ASN A 73 -11.70 13.99 -28.16
CA ASN A 73 -12.18 14.57 -26.89
C ASN A 73 -11.24 14.37 -25.70
N ASP A 74 -11.28 15.35 -24.81
CA ASP A 74 -10.53 15.33 -23.60
C ASP A 74 -10.90 14.13 -22.76
N HIS A 75 -9.90 13.39 -22.36
CA HIS A 75 -9.96 12.25 -21.44
C HIS A 75 -10.72 11.05 -22.01
N LEU A 76 -10.91 10.98 -23.31
CA LEU A 76 -11.28 9.71 -23.88
C LEU A 76 -10.01 8.99 -24.33
N ARG A 77 -10.11 7.70 -24.52
CA ARG A 77 -8.96 6.92 -24.78
C ARG A 77 -9.11 5.81 -25.77
N ASN A 78 -8.00 5.17 -26.09
CA ASN A 78 -7.97 4.06 -27.03
C ASN A 78 -6.62 3.38 -26.83
N GLU A 79 -6.63 2.28 -26.07
CA GLU A 79 -5.41 1.70 -25.56
C GLU A 79 -5.47 0.18 -25.58
N VAL A 80 -4.39 -0.42 -26.02
CA VAL A 80 -4.14 -1.83 -25.74
C VAL A 80 -3.66 -1.94 -24.28
N ARG A 81 -4.15 -2.88 -23.51
CA ARG A 81 -3.80 -3.07 -22.10
C ARG A 81 -3.25 -4.48 -21.89
N VAL A 82 -1.95 -4.62 -21.66
CA VAL A 82 -1.33 -5.92 -21.51
C VAL A 82 -1.80 -6.54 -20.20
N HIS A 83 -2.21 -7.81 -20.26
CA HIS A 83 -2.98 -8.35 -19.14
C HIS A 83 -2.14 -8.56 -17.88
N LYS A 84 -0.85 -8.91 -18.04
CA LYS A 84 -0.04 -9.27 -16.88
C LYS A 84 0.00 -8.14 -15.86
N ASN A 85 -0.46 -8.42 -14.64
CA ASN A 85 -0.24 -7.52 -13.50
C ASN A 85 1.02 -8.01 -12.81
N PHE A 86 2.13 -7.30 -13.00
CA PHE A 86 3.41 -7.82 -12.54
C PHE A 86 3.89 -7.09 -11.30
N ARG A 87 4.68 -7.80 -10.50
CA ARG A 87 5.45 -7.16 -9.44
C ARG A 87 6.58 -6.35 -10.04
N THR A 88 6.83 -5.18 -9.46
CA THR A 88 7.88 -4.29 -9.91
C THR A 88 9.12 -4.35 -9.03
N ASP A 89 9.08 -5.14 -7.96
CA ASP A 89 10.14 -5.07 -6.96
C ASP A 89 11.05 -6.30 -6.94
N LEU A 90 10.87 -7.24 -7.85
CA LEU A 90 11.67 -8.44 -7.69
C LEU A 90 12.90 -8.42 -8.59
N PRO A 91 14.05 -8.89 -8.07
CA PRO A 91 15.30 -8.81 -8.85
C PRO A 91 15.35 -9.77 -10.02
N ASN A 92 14.58 -10.85 -10.01
CA ASN A 92 14.61 -11.89 -11.04
C ASN A 92 13.47 -11.78 -12.06
N LYS A 93 12.68 -10.71 -12.01
CA LYS A 93 11.50 -10.58 -12.87
C LYS A 93 11.46 -9.17 -13.43
N LEU A 94 11.71 -9.04 -14.73
CA LEU A 94 11.70 -7.77 -15.43
C LEU A 94 10.72 -7.81 -16.60
N TYR A 95 9.94 -6.76 -16.76
CA TYR A 95 8.87 -6.72 -17.74
C TYR A 95 9.10 -5.55 -18.68
N THR A 96 9.07 -5.81 -19.98
CA THR A 96 9.53 -4.85 -20.97
C THR A 96 8.47 -4.60 -22.03
N LEU A 97 8.11 -3.33 -22.20
CA LEU A 97 7.26 -2.85 -23.29
C LEU A 97 8.15 -2.11 -24.27
N SER A 98 8.16 -2.55 -25.54
CA SER A 98 8.99 -1.97 -26.59
C SER A 98 8.12 -1.47 -27.73
N ALA A 99 8.21 -0.18 -28.02
CA ALA A 99 7.38 0.42 -29.05
C ALA A 99 8.23 1.34 -29.92
N GLU A 100 7.82 1.47 -31.18
CA GLU A 100 8.29 2.54 -32.06
C GLU A 100 7.07 3.32 -32.50
N VAL A 101 7.06 4.62 -32.23
CA VAL A 101 5.84 5.40 -32.30
C VAL A 101 6.12 6.70 -33.02
N GLU A 102 5.16 7.13 -33.83
CA GLU A 102 5.14 8.46 -34.41
C GLU A 102 3.80 9.10 -34.09
N ILE A 103 3.84 10.30 -33.53
CA ILE A 103 2.63 11.06 -33.30
C ILE A 103 2.36 11.90 -34.54
N ILE A 104 1.15 11.78 -35.08
CA ILE A 104 0.82 12.40 -36.37
C ILE A 104 0.23 13.78 -36.11
N ASP A 105 0.85 14.80 -36.68
CA ASP A 105 0.47 16.20 -36.56
C ASP A 105 -0.16 16.56 -35.21
N PRO A 106 0.56 16.38 -34.10
CA PRO A 106 -0.03 16.67 -32.79
C PRO A 106 -0.38 18.13 -32.58
N VAL A 107 0.33 19.06 -33.24
CA VAL A 107 -0.02 20.47 -33.12
C VAL A 107 -1.46 20.70 -33.60
N ALA A 108 -1.83 20.10 -34.74
CA ALA A 108 -3.18 20.27 -35.27
C ALA A 108 -4.23 19.65 -34.35
N SER A 109 -3.95 18.46 -33.81
CA SER A 109 -4.82 17.84 -32.81
C SER A 109 -5.21 18.81 -31.71
N MET A 110 -4.30 19.69 -31.29
CA MET A 110 -4.54 20.57 -30.16
C MET A 110 -4.87 21.99 -30.56
N LYS A 111 -5.09 22.26 -31.85
CA LYS A 111 -5.21 23.66 -32.26
C LYS A 111 -6.41 24.36 -31.64
N ASN A 112 -7.42 23.62 -31.19
CA ASN A 112 -8.56 24.21 -30.52
C ASN A 112 -8.62 23.90 -29.03
N SER A 113 -7.53 23.40 -28.45
CA SER A 113 -7.61 22.90 -27.08
C SER A 113 -7.65 24.03 -26.07
N ASN A 114 -8.59 23.95 -25.13
CA ASN A 114 -8.65 24.88 -24.00
C ASN A 114 -8.03 24.29 -22.74
N SER A 115 -7.27 23.21 -22.85
CA SER A 115 -6.66 22.55 -21.71
C SER A 115 -5.37 23.26 -21.27
N LYS A 116 -5.08 23.19 -19.97
CA LYS A 116 -3.80 23.66 -19.46
C LYS A 116 -2.71 22.59 -19.50
N GLN A 117 -3.09 21.34 -19.77
CA GLN A 117 -2.17 20.22 -19.86
C GLN A 117 -1.64 20.03 -21.28
N ASN A 118 -2.54 19.80 -22.24
CA ASN A 118 -2.20 19.67 -23.66
C ASN A 118 -1.10 18.62 -23.85
N GLU A 119 -1.48 17.39 -23.53
CA GLU A 119 -0.61 16.24 -23.65
C GLU A 119 -1.38 15.13 -24.36
N ILE A 120 -0.64 14.28 -25.08
CA ILE A 120 -1.14 13.00 -25.55
C ILE A 120 -0.32 11.92 -24.84
N THR A 121 -0.99 11.08 -24.06
CA THR A 121 -0.34 9.96 -23.39
C THR A 121 -0.44 8.74 -24.29
N PHE A 122 0.69 8.13 -24.62
CA PHE A 122 0.63 7.02 -25.56
C PHE A 122 1.31 5.76 -25.08
N LEU A 123 2.02 5.81 -23.95
CA LEU A 123 2.48 4.63 -23.23
C LEU A 123 2.26 4.89 -21.75
N GLN A 124 1.84 3.86 -21.01
CA GLN A 124 1.64 3.98 -19.58
C GLN A 124 2.13 2.73 -18.87
N VAL A 125 2.65 2.93 -17.66
CA VAL A 125 2.66 1.88 -16.65
C VAL A 125 1.70 2.31 -15.56
N HIS A 126 0.62 1.56 -15.39
CA HIS A 126 -0.34 1.85 -14.33
C HIS A 126 -0.23 0.77 -13.27
N ASN A 127 -0.93 0.96 -12.16
CA ASN A 127 -1.02 -0.07 -11.14
C ASN A 127 -2.42 -0.66 -11.14
N LYS A 128 -2.48 -1.98 -11.00
CA LYS A 128 -3.76 -2.63 -10.73
C LYS A 128 -4.19 -2.35 -9.30
N GLY A 129 -3.28 -2.54 -8.35
CA GLY A 129 -3.53 -2.40 -6.94
C GLY A 129 -2.70 -3.40 -6.16
N LEU A 130 -3.18 -3.71 -4.95
CA LEU A 130 -2.51 -4.70 -4.11
C LEU A 130 -2.54 -6.10 -4.72
N ASP A 131 -3.56 -6.39 -5.53
CA ASP A 131 -3.80 -7.75 -6.01
C ASP A 131 -4.38 -7.69 -7.42
N ASN A 132 -4.65 -8.86 -8.00
CA ASN A 132 -5.18 -8.91 -9.35
C ASN A 132 -6.58 -8.36 -9.46
N GLN A 133 -7.27 -8.16 -8.34
CA GLN A 133 -8.61 -7.61 -8.34
C GLN A 133 -8.64 -6.09 -8.22
N GLY A 134 -7.50 -5.45 -8.03
CA GLY A 134 -7.47 -4.01 -7.90
C GLY A 134 -7.74 -3.47 -6.52
N THR A 135 -7.56 -4.28 -5.48
CA THR A 135 -7.78 -3.77 -4.12
C THR A 135 -6.83 -2.61 -3.84
N HIS A 136 -7.38 -1.51 -3.33
CA HIS A 136 -6.62 -0.29 -3.03
C HIS A 136 -5.83 0.21 -4.26
N ASN A 137 -6.50 0.23 -5.40
CA ASN A 137 -5.94 0.87 -6.59
C ASN A 137 -5.54 2.31 -6.28
N VAL A 138 -4.37 2.71 -6.74
CA VAL A 138 -3.93 4.10 -6.67
C VAL A 138 -4.29 4.76 -8.00
N PRO A 139 -5.09 5.84 -8.01
CA PRO A 139 -5.60 6.38 -9.28
C PRO A 139 -4.62 7.27 -10.02
N HIS A 140 -3.33 6.93 -9.93
CA HIS A 140 -2.26 7.64 -10.64
C HIS A 140 -1.40 6.55 -11.25
N PRO A 141 -1.10 6.63 -12.54
CA PRO A 141 -0.17 5.66 -13.12
C PRO A 141 1.24 5.95 -12.66
N LEU A 142 2.06 4.90 -12.60
CA LEU A 142 3.48 5.07 -12.34
C LEU A 142 4.14 5.93 -13.41
N LEU A 143 3.74 5.77 -14.68
CA LEU A 143 4.43 6.41 -15.80
C LEU A 143 3.44 6.77 -16.88
N ARG A 144 3.47 8.03 -17.33
CA ARG A 144 2.89 8.42 -18.60
C ARG A 144 4.00 8.94 -19.49
N VAL A 145 4.19 8.29 -20.63
CA VAL A 145 5.02 8.83 -21.70
C VAL A 145 4.10 9.66 -22.58
N VAL A 146 4.41 10.94 -22.73
CA VAL A 146 3.51 11.85 -23.42
C VAL A 146 4.23 12.58 -24.54
N TRP A 147 3.44 13.09 -25.47
CA TRP A 147 3.82 14.21 -26.31
C TRP A 147 3.23 15.44 -25.66
N LYS A 148 4.05 16.44 -25.37
CA LYS A 148 3.60 17.62 -24.66
C LYS A 148 3.80 18.84 -25.56
N GLU A 149 2.74 19.62 -25.74
CA GLU A 149 2.80 20.74 -26.68
C GLU A 149 3.77 21.83 -26.21
N ASP A 150 3.69 22.22 -24.93
CA ASP A 150 4.45 23.37 -24.45
C ASP A 150 4.76 23.15 -22.97
N ALA A 151 6.00 22.79 -22.67
CA ALA A 151 6.46 22.67 -21.30
C ALA A 151 7.42 23.84 -21.05
N ASN A 152 6.87 24.92 -20.50
CA ASN A 152 7.59 26.17 -20.24
C ASN A 152 8.41 26.59 -21.46
N SER A 153 7.73 26.70 -22.59
CA SER A 153 8.22 27.14 -23.89
C SER A 153 9.01 26.06 -24.62
N VAL A 154 9.24 24.89 -24.02
CA VAL A 154 9.85 23.77 -24.73
C VAL A 154 8.75 23.08 -25.53
N LYS A 155 8.75 23.27 -26.85
CA LYS A 155 7.66 22.81 -27.69
C LYS A 155 7.88 21.38 -28.16
N GLY A 156 6.88 20.53 -27.96
CA GLY A 156 6.78 19.33 -28.76
C GLY A 156 7.82 18.28 -28.44
N HIS A 157 8.23 18.18 -27.17
CA HIS A 157 9.08 17.11 -26.69
C HIS A 157 8.24 15.96 -26.15
N PHE A 158 8.85 14.78 -26.17
CA PHE A 158 8.35 13.65 -25.40
C PHE A 158 8.74 13.85 -23.94
N TRP A 159 7.84 13.49 -23.03
CA TRP A 159 8.14 13.54 -21.62
C TRP A 159 7.74 12.23 -20.95
N ALA A 160 8.47 11.87 -19.90
CA ALA A 160 8.04 10.82 -18.99
C ALA A 160 7.55 11.50 -17.72
N MET A 161 6.27 11.31 -17.40
CA MET A 161 5.68 11.81 -16.16
C MET A 161 5.61 10.64 -15.18
N VAL A 162 6.40 10.71 -14.11
CA VAL A 162 6.62 9.59 -13.20
C VAL A 162 6.04 9.93 -11.83
N LYS A 163 5.05 9.14 -11.41
CA LYS A 163 4.49 9.25 -10.06
C LYS A 163 5.55 8.81 -9.06
N ASN A 164 5.92 9.71 -8.14
CA ASN A 164 7.11 9.52 -7.32
C ASN A 164 6.81 9.11 -5.89
N ASN A 165 5.56 8.76 -5.57
CA ASN A 165 5.24 8.07 -4.33
C ASN A 165 4.02 7.20 -4.62
N ALA A 166 3.49 6.55 -3.58
CA ALA A 166 2.35 5.66 -3.75
C ALA A 166 1.09 6.25 -3.11
N VAL A 167 0.98 7.57 -3.11
CA VAL A 167 -0.03 8.28 -2.33
C VAL A 167 -1.22 8.64 -3.21
N ILE A 168 -2.43 8.27 -2.79
CA ILE A 168 -3.64 8.72 -3.48
C ILE A 168 -3.85 10.19 -3.21
N CYS A 169 -3.81 11.01 -4.26
CA CYS A 169 -3.76 12.46 -4.13
C CYS A 169 -4.99 13.17 -4.67
N LYS A 170 -6.01 12.43 -5.09
CA LYS A 170 -7.19 13.04 -5.71
C LYS A 170 -8.34 12.06 -5.55
N GLY A 171 -9.54 12.55 -5.84
CA GLY A 171 -10.71 11.70 -5.78
C GLY A 171 -11.20 11.45 -4.36
N SER A 172 -12.13 10.49 -4.28
CA SER A 172 -12.80 10.22 -3.01
C SER A 172 -11.82 9.76 -1.94
N PHE A 173 -10.77 9.04 -2.32
CA PHE A 173 -9.83 8.50 -1.33
C PHE A 173 -8.61 9.36 -1.15
N GLY A 174 -8.60 10.58 -1.68
CA GLY A 174 -7.44 11.44 -1.52
C GLY A 174 -7.73 12.72 -0.75
N LYS A 175 -8.95 12.83 -0.21
CA LYS A 175 -9.36 14.08 0.44
C LYS A 175 -8.40 14.50 1.54
N LYS A 176 -7.88 13.54 2.30
CA LYS A 176 -6.98 13.87 3.38
C LYS A 176 -5.57 14.17 2.89
N ASN A 177 -5.18 13.61 1.74
CA ASN A 177 -3.84 13.81 1.22
C ASN A 177 -3.70 15.00 0.28
N LYS A 178 -4.82 15.45 -0.30
CA LYS A 178 -4.79 16.37 -1.44
C LYS A 178 -3.91 17.60 -1.18
N ASP A 179 -3.96 18.15 0.02
CA ASP A 179 -3.33 19.44 0.31
C ASP A 179 -2.00 19.30 1.01
N LYS A 180 -1.46 18.09 1.11
CA LYS A 180 -0.19 17.87 1.77
C LYS A 180 0.96 18.07 0.80
N GLU A 181 2.16 18.23 1.36
CA GLU A 181 3.36 18.43 0.55
C GLU A 181 3.56 17.26 -0.41
N MET A 182 3.26 16.04 0.05
CA MET A 182 3.43 14.83 -0.75
C MET A 182 2.60 14.86 -2.03
N CYS A 183 1.50 15.61 -2.06
CA CYS A 183 0.60 15.63 -3.21
C CYS A 183 0.78 16.87 -4.07
N LYS A 184 1.81 17.67 -3.80
CA LYS A 184 2.10 18.81 -4.67
C LYS A 184 2.65 18.30 -5.99
N ALA A 185 2.29 19.00 -7.06
CA ALA A 185 2.69 18.56 -8.40
C ALA A 185 4.19 18.33 -8.49
N ASP A 186 4.99 19.19 -7.82
CA ASP A 186 6.45 19.11 -7.86
C ASP A 186 7.01 17.97 -7.04
N VAL A 187 6.26 17.45 -6.08
CA VAL A 187 6.70 16.36 -5.22
C VAL A 187 6.16 15.02 -5.72
N ALA A 188 4.87 14.96 -6.02
CA ALA A 188 4.24 13.70 -6.40
C ALA A 188 4.73 13.19 -7.75
N TYR A 189 5.27 14.04 -8.61
CA TYR A 189 5.68 13.63 -9.95
C TYR A 189 7.10 14.08 -10.26
N LYS A 190 7.82 13.22 -10.99
CA LYS A 190 9.12 13.56 -11.54
C LYS A 190 8.98 13.56 -13.05
N LYS A 191 9.40 14.63 -13.70
CA LYS A 191 9.25 14.81 -15.14
C LYS A 191 10.60 14.70 -15.82
N TYR A 192 10.67 13.83 -16.83
CA TYR A 192 11.89 13.60 -17.59
C TYR A 192 11.67 14.09 -19.02
N ASP A 193 12.46 15.09 -19.44
CA ASP A 193 12.45 15.54 -20.84
C ASP A 193 13.09 14.46 -21.71
N LEU A 194 12.31 13.84 -22.58
CA LEU A 194 12.84 12.75 -23.38
C LEU A 194 13.29 13.23 -24.76
N GLY A 195 13.32 14.54 -24.98
CA GLY A 195 13.81 15.10 -26.22
C GLY A 195 12.69 15.48 -27.18
N LYS A 196 13.09 16.18 -28.24
CA LYS A 196 12.15 16.64 -29.25
C LYS A 196 11.49 15.47 -29.96
N ALA A 197 10.17 15.55 -30.13
CA ALA A 197 9.47 14.55 -30.93
C ALA A 197 9.61 14.89 -32.41
N PRO A 198 10.16 14.01 -33.23
CA PRO A 198 10.31 14.31 -34.66
C PRO A 198 9.03 14.09 -35.43
N LEU A 199 8.84 14.90 -36.46
CA LEU A 199 7.82 14.63 -37.46
C LEU A 199 8.36 13.64 -38.49
N ASN A 200 7.46 12.89 -39.09
CA ASN A 200 7.74 11.99 -40.21
C ASN A 200 8.67 10.84 -39.87
N LYS A 201 8.98 10.61 -38.60
CA LYS A 201 9.72 9.40 -38.27
C LYS A 201 9.33 8.89 -36.89
N ALA A 202 9.58 7.60 -36.70
CA ALA A 202 9.25 6.92 -35.47
C ALA A 202 10.38 7.08 -34.46
N THR A 203 10.01 6.97 -33.19
CA THR A 203 10.95 7.03 -32.09
C THR A 203 10.78 5.74 -31.30
N ALA A 204 11.89 5.09 -30.99
CA ALA A 204 11.84 3.83 -30.25
C ALA A 204 11.83 4.12 -28.76
N PHE A 205 10.91 3.47 -28.05
CA PHE A 205 10.86 3.51 -26.59
C PHE A 205 10.97 2.09 -26.06
N ASP A 206 11.80 1.90 -25.04
CA ASP A 206 11.89 0.63 -24.32
C ASP A 206 11.71 0.88 -22.83
N ILE A 207 10.61 0.41 -22.27
CA ILE A 207 10.29 0.59 -20.85
C ILE A 207 10.46 -0.74 -20.16
N THR A 208 11.35 -0.79 -19.17
CA THR A 208 11.62 -2.00 -18.41
C THR A 208 11.30 -1.75 -16.95
N VAL A 209 10.38 -2.55 -16.40
CA VAL A 209 9.93 -2.43 -15.01
C VAL A 209 10.29 -3.70 -14.28
N GLY A 210 10.80 -3.56 -13.06
CA GLY A 210 11.22 -4.69 -12.26
C GLY A 210 12.47 -4.40 -11.46
N ASN A 211 12.79 -5.24 -10.47
CA ASN A 211 13.96 -5.03 -9.62
C ASN A 211 13.97 -3.64 -8.98
N LYS A 212 12.77 -3.15 -8.64
CA LYS A 212 12.59 -1.84 -8.00
C LYS A 212 13.10 -0.70 -8.89
N GLN A 213 13.06 -0.90 -10.21
CA GLN A 213 13.52 0.10 -11.18
C GLN A 213 12.50 0.33 -12.27
N LEU A 214 12.30 1.60 -12.62
CA LEU A 214 11.67 2.02 -13.86
C LEU A 214 12.77 2.53 -14.79
N ILE A 215 12.99 1.83 -15.90
CA ILE A 215 14.01 2.19 -16.89
C ILE A 215 13.34 2.53 -18.21
N ILE A 216 13.76 3.63 -18.84
CA ILE A 216 13.25 4.00 -20.16
C ILE A 216 14.41 4.33 -21.08
N ASP A 217 14.56 3.56 -22.16
CA ASP A 217 15.45 3.88 -23.26
C ASP A 217 14.68 4.54 -24.39
N VAL A 218 15.25 5.59 -24.94
CA VAL A 218 14.67 6.35 -26.05
C VAL A 218 15.67 6.33 -27.18
N ASP A 219 15.28 5.75 -28.32
CA ASP A 219 16.20 5.54 -29.45
C ASP A 219 17.50 4.90 -28.99
N GLY A 220 17.39 3.95 -28.06
CA GLY A 220 18.55 3.21 -27.59
C GLY A 220 19.35 3.88 -26.51
N LYS A 221 19.05 5.14 -26.18
CA LYS A 221 19.74 5.87 -25.13
C LYS A 221 18.96 5.79 -23.82
N ARG A 222 19.66 5.46 -22.74
CA ARG A 222 19.06 5.38 -21.42
C ARG A 222 18.76 6.78 -20.90
N LEU A 223 17.48 7.16 -20.83
CA LEU A 223 17.14 8.48 -20.34
C LEU A 223 16.47 8.49 -18.99
N VAL A 224 15.89 7.38 -18.55
CA VAL A 224 15.29 7.29 -17.22
C VAL A 224 15.80 6.04 -16.54
N GLU A 225 16.20 6.18 -15.29
CA GLU A 225 16.66 5.06 -14.48
C GLU A 225 16.29 5.41 -13.04
N HIS A 226 15.04 5.07 -12.68
CA HIS A 226 14.37 5.68 -11.55
C HIS A 226 14.01 4.59 -10.55
N ASP A 227 14.43 4.76 -9.30
CA ASP A 227 14.19 3.75 -8.30
C ASP A 227 12.75 3.87 -7.80
N ILE A 228 12.05 2.73 -7.71
CA ILE A 228 10.63 2.72 -7.41
C ILE A 228 10.32 1.80 -6.24
N ASP A 229 11.25 1.76 -5.30
CA ASP A 229 11.05 1.02 -4.05
C ASP A 229 9.70 1.40 -3.42
N TYR A 230 9.34 2.69 -3.53
CA TYR A 230 8.11 3.21 -2.93
C TYR A 230 6.85 2.57 -3.52
N TRP A 231 6.98 1.91 -4.66
CA TRP A 231 5.88 1.35 -5.42
C TRP A 231 5.79 -0.16 -5.24
N ARG A 232 6.59 -0.73 -4.35
CA ARG A 232 6.88 -2.16 -4.38
C ARG A 232 5.62 -3.01 -4.18
N HIS A 233 4.63 -2.50 -3.46
CA HIS A 233 3.42 -3.27 -3.14
C HIS A 233 2.38 -3.27 -4.25
N LEU A 234 2.54 -2.47 -5.28
CA LEU A 234 1.50 -2.28 -6.29
C LEU A 234 1.79 -3.15 -7.52
N LEU A 235 0.92 -4.12 -7.80
CA LEU A 235 0.98 -4.82 -9.06
C LEU A 235 0.70 -3.84 -10.19
N SER A 236 1.49 -3.92 -11.26
CA SER A 236 1.49 -2.90 -12.30
C SER A 236 1.35 -3.53 -13.69
N TYR A 237 1.00 -2.69 -14.68
CA TYR A 237 0.76 -3.23 -16.02
C TYR A 237 1.00 -2.16 -17.07
N PHE A 238 1.19 -2.62 -18.31
CA PHE A 238 1.45 -1.76 -19.48
C PHE A 238 0.18 -1.41 -20.25
N LYS A 239 0.11 -0.17 -20.73
CA LYS A 239 -0.86 0.21 -21.75
C LYS A 239 -0.13 1.01 -22.83
N ALA A 240 -0.67 0.97 -24.05
CA ALA A 240 -0.18 1.70 -25.19
C ALA A 240 -1.29 2.09 -26.13
N GLY A 241 -1.23 3.30 -26.65
CA GLY A 241 -2.17 3.80 -27.61
C GLY A 241 -2.28 5.30 -27.49
N VAL A 242 -3.47 5.80 -27.24
CA VAL A 242 -3.69 7.19 -26.99
C VAL A 242 -4.66 7.45 -25.86
N TYR A 243 -4.41 8.49 -25.09
CA TYR A 243 -5.31 8.95 -24.05
C TYR A 243 -5.14 10.45 -24.01
N ASN A 244 -6.23 11.18 -24.15
CA ASN A 244 -6.15 12.60 -24.48
C ASN A 244 -6.12 13.47 -23.24
N GLN A 245 -5.11 14.35 -23.16
CA GLN A 245 -5.17 15.43 -22.19
C GLN A 245 -5.13 16.77 -22.92
N PHE A 246 -6.11 16.98 -23.79
CA PHE A 246 -6.33 18.23 -24.50
C PHE A 246 -7.78 18.19 -24.94
N THR A 247 -8.35 19.34 -25.26
CA THR A 247 -9.75 19.38 -25.64
C THR A 247 -9.90 19.60 -27.14
N ASN A 248 -11.01 19.07 -27.66
CA ASN A 248 -11.58 19.50 -28.93
C ASN A 248 -10.77 19.09 -30.15
N GLY A 249 -10.07 17.95 -30.08
CA GLY A 249 -9.34 17.51 -31.24
C GLY A 249 -9.14 16.00 -31.22
N MET A 250 -8.51 15.50 -32.28
CA MET A 250 -8.31 14.08 -32.51
C MET A 250 -6.83 13.77 -32.40
N SER A 251 -6.47 12.85 -31.50
CA SER A 251 -5.08 12.39 -31.39
C SER A 251 -4.83 11.23 -32.34
N GLU A 252 -3.58 11.08 -32.77
CA GLU A 252 -3.25 10.01 -33.71
C GLU A 252 -1.82 9.53 -33.53
N ALA A 253 -1.66 8.27 -33.15
CA ALA A 253 -0.34 7.69 -32.92
C ALA A 253 -0.18 6.48 -33.82
N HIS A 254 0.97 6.38 -34.49
CA HIS A 254 1.25 5.25 -35.35
C HIS A 254 2.34 4.43 -34.69
N PHE A 255 2.05 3.16 -34.42
CA PHE A 255 3.04 2.24 -33.86
C PHE A 255 3.56 1.36 -34.99
N ASN A 256 4.81 1.59 -35.38
CA ASN A 256 5.47 0.67 -36.29
C ASN A 256 5.78 -0.66 -35.63
N LYS A 257 5.93 -0.64 -34.30
CA LYS A 257 6.31 -1.79 -33.51
C LYS A 257 5.64 -1.66 -32.15
N LEU A 258 5.17 -2.78 -31.61
CA LEU A 258 4.67 -2.83 -30.23
C LEU A 258 4.83 -4.25 -29.74
N GLU A 259 5.73 -4.45 -28.76
CA GLU A 259 6.04 -5.77 -28.25
C GLU A 259 6.05 -5.74 -26.73
N TYR A 260 5.75 -6.89 -26.14
CA TYR A 260 5.74 -7.08 -24.71
C TYR A 260 6.54 -8.34 -24.40
N LYS A 261 7.39 -8.26 -23.38
CA LYS A 261 8.25 -9.38 -23.03
C LYS A 261 8.47 -9.42 -21.52
N ALA A 262 8.36 -10.61 -20.95
CA ALA A 262 8.61 -10.85 -19.53
C ALA A 262 9.84 -11.72 -19.39
N LEU A 263 10.79 -11.27 -18.56
CA LEU A 263 12.02 -11.99 -18.26
C LEU A 263 12.02 -12.37 -16.78
N GLU A 264 11.87 -13.65 -16.49
CA GLU A 264 11.68 -14.07 -15.10
C GLU A 264 12.74 -15.06 -14.62
N ASN B 1 -7.74 15.18 31.02
CA ASN B 1 -7.68 15.12 32.47
C ASN B 1 -7.07 13.81 32.99
N VAL B 2 -6.30 13.11 32.15
CA VAL B 2 -5.47 12.01 32.63
C VAL B 2 -4.46 12.56 33.63
N GLN B 3 -4.56 12.13 34.88
CA GLN B 3 -3.70 12.62 35.95
C GLN B 3 -2.72 11.56 36.41
N PHE B 4 -1.56 12.00 36.89
CA PHE B 4 -0.50 11.12 37.36
C PHE B 4 -0.31 11.31 38.86
N SER B 5 0.02 10.21 39.53
CA SER B 5 0.19 10.20 40.99
C SER B 5 0.81 8.88 41.42
N ASN B 6 1.87 8.94 42.22
CA ASN B 6 2.43 7.72 42.78
C ASN B 6 1.79 7.34 44.10
N GLN B 7 0.65 7.95 44.43
CA GLN B 7 -0.12 7.67 45.64
C GLN B 7 0.74 7.77 46.89
N ASP B 8 1.45 8.90 47.00
CA ASP B 8 2.36 9.20 48.11
C ASP B 8 3.32 8.05 48.39
N GLY B 9 3.86 7.48 47.31
CA GLY B 9 4.86 6.44 47.42
C GLY B 9 4.34 5.03 47.44
N ALA B 10 3.02 4.83 47.37
CA ALA B 10 2.49 3.49 47.20
C ALA B 10 2.98 2.84 45.91
N LEU B 11 3.26 3.64 44.87
CA LEU B 11 3.53 3.13 43.53
C LEU B 11 4.93 3.53 43.09
N GLY B 12 5.71 2.56 42.60
CA GLY B 12 7.00 2.89 42.03
C GLY B 12 6.85 3.58 40.68
N GLU B 13 7.75 4.52 40.40
CA GLU B 13 7.71 5.30 39.17
C GLU B 13 8.54 4.59 38.10
N PRO B 14 7.95 4.26 36.95
CA PRO B 14 8.66 3.41 35.97
C PRO B 14 10.01 3.95 35.52
N ALA B 15 10.15 5.27 35.34
CA ALA B 15 11.41 5.83 34.87
C ALA B 15 12.57 5.58 35.83
N ASN B 16 12.29 5.27 37.11
CA ASN B 16 13.31 5.07 38.12
C ASN B 16 13.78 3.63 38.27
N TYR B 17 13.29 2.72 37.44
CA TYR B 17 13.68 1.31 37.53
C TYR B 17 14.52 0.95 36.31
N THR B 18 15.75 0.48 36.59
CA THR B 18 16.78 0.39 35.56
C THR B 18 16.41 -0.59 34.45
N GLN B 19 15.66 -1.64 34.76
CA GLN B 19 15.38 -2.65 33.74
C GLN B 19 14.40 -2.15 32.68
N PHE B 20 13.63 -1.10 32.99
CA PHE B 20 12.68 -0.54 32.04
C PHE B 20 13.13 0.78 31.43
N GLN B 21 14.20 1.39 31.92
CA GLN B 21 14.58 2.74 31.48
C GLN B 21 14.75 2.81 29.96
N HIS B 22 15.47 1.85 29.38
CA HIS B 22 15.81 1.99 27.98
C HIS B 22 14.58 1.86 27.08
N VAL B 23 13.70 0.89 27.36
CA VAL B 23 12.52 0.77 26.50
C VAL B 23 11.67 2.02 26.60
N LEU B 24 11.62 2.64 27.78
CA LEU B 24 10.85 3.87 27.92
C LEU B 24 11.50 5.03 27.18
N THR B 25 12.84 5.12 27.20
CA THR B 25 13.48 6.23 26.50
C THR B 25 13.20 6.16 24.99
N GLU B 26 12.94 4.96 24.48
CA GLU B 26 12.67 4.73 23.06
C GLU B 26 11.18 4.81 22.73
N SER B 27 10.34 5.20 23.69
CA SER B 27 8.91 5.05 23.54
C SER B 27 8.17 6.26 24.07
N GLU B 28 6.84 6.23 23.91
CA GLU B 28 5.92 7.15 24.56
C GLU B 28 4.80 6.33 25.17
N LEU B 29 3.99 6.99 25.98
CA LEU B 29 2.86 6.35 26.66
C LEU B 29 1.57 6.80 26.00
N GLN B 30 0.76 5.83 25.59
CA GLN B 30 -0.55 6.10 25.01
C GLN B 30 -1.56 5.47 25.95
N ILE B 31 -2.34 6.32 26.61
CA ILE B 31 -3.14 5.88 27.75
C ILE B 31 -4.49 6.57 27.72
N SER B 32 -5.55 5.81 27.96
CA SER B 32 -6.88 6.37 28.06
C SER B 32 -7.06 7.13 29.37
N ASP B 33 -7.95 8.12 29.33
CA ASP B 33 -8.59 8.62 30.53
C ASP B 33 -9.62 7.58 30.97
N ALA B 34 -9.34 6.87 32.05
CA ALA B 34 -10.23 5.79 32.47
C ALA B 34 -11.62 6.29 32.83
N GLU B 35 -11.75 7.57 33.18
CA GLU B 35 -13.05 8.18 33.41
C GLU B 35 -13.64 8.78 32.14
N GLY B 36 -12.99 8.59 30.99
CA GLY B 36 -13.34 9.28 29.76
C GLY B 36 -14.23 8.47 28.84
N LYS B 37 -14.41 9.00 27.63
CA LYS B 37 -15.32 8.49 26.61
C LYS B 37 -14.71 7.25 25.95
N LYS B 38 -15.57 6.38 25.40
CA LYS B 38 -15.12 5.22 24.62
C LYS B 38 -14.02 5.61 23.65
N GLY B 39 -13.02 4.75 23.55
CA GLY B 39 -11.98 4.94 22.56
C GLY B 39 -11.04 6.11 22.79
N ASN B 40 -11.18 6.81 23.92
CA ASN B 40 -10.33 7.97 24.13
C ASN B 40 -8.90 7.52 24.36
N LYS B 41 -7.97 8.46 24.18
CA LYS B 41 -6.56 8.18 24.38
C LYS B 41 -5.83 9.51 24.44
N GLU B 42 -4.80 9.57 25.27
CA GLU B 42 -3.92 10.72 25.33
C GLU B 42 -2.48 10.23 25.29
N TYR B 43 -1.59 11.11 24.89
CA TYR B 43 -0.20 10.77 24.70
C TYR B 43 0.67 11.57 25.67
N PHE B 44 1.69 10.91 26.21
CA PHE B 44 2.64 11.55 27.11
C PHE B 44 4.02 11.00 26.80
N ALA B 45 5.05 11.70 27.30
CA ALA B 45 6.43 11.32 27.08
C ALA B 45 6.76 11.21 25.59
N LEU B 46 6.30 12.18 24.80
CA LEU B 46 6.51 12.14 23.36
C LEU B 46 7.99 12.11 22.99
N ASP B 47 8.87 12.57 23.88
CA ASP B 47 10.31 12.58 23.65
C ASP B 47 11.01 11.42 24.35
N GLY B 48 10.25 10.48 24.90
CA GLY B 48 10.82 9.39 25.65
C GLY B 48 11.17 9.72 27.08
N ASN B 49 10.71 10.86 27.59
CA ASN B 49 11.02 11.30 28.95
C ASN B 49 9.84 10.94 29.85
N PHE B 50 9.94 9.81 30.52
CA PHE B 50 8.86 9.35 31.38
C PHE B 50 8.92 9.89 32.80
N THR B 51 9.79 10.87 33.09
CA THR B 51 9.90 11.33 34.48
C THR B 51 8.58 11.92 34.94
N GLY B 52 8.09 11.44 36.08
CA GLY B 52 6.82 11.87 36.61
C GLY B 52 5.60 11.19 36.00
N ILE B 53 5.78 10.22 35.12
CA ILE B 53 4.67 9.55 34.44
C ILE B 53 4.42 8.25 35.19
N VAL B 54 3.36 8.24 36.02
CA VAL B 54 3.03 7.11 36.87
C VAL B 54 1.64 7.35 37.45
N ASN B 55 0.85 6.29 37.62
CA ASN B 55 -0.42 6.37 38.31
C ASN B 55 -0.88 4.95 38.61
N GLN B 56 -2.09 4.83 39.15
CA GLN B 56 -2.63 3.52 39.51
C GLN B 56 -2.75 2.58 38.32
N TYR B 57 -2.77 3.11 37.09
CA TYR B 57 -2.88 2.29 35.89
C TYR B 57 -1.54 1.89 35.30
N PHE B 58 -0.50 2.68 35.57
CA PHE B 58 0.82 2.48 34.99
C PHE B 58 1.86 2.81 36.04
N TYR B 59 2.49 1.79 36.60
CA TYR B 59 3.45 1.96 37.68
C TYR B 59 4.31 0.71 37.76
N VAL B 60 5.32 0.74 38.63
CA VAL B 60 6.13 -0.42 38.94
C VAL B 60 5.76 -0.90 40.34
N ASP B 61 5.31 -2.15 40.45
CA ASP B 61 5.06 -2.75 41.76
C ASP B 61 6.37 -2.85 42.54
N LYS B 62 6.41 -2.21 43.71
CA LYS B 62 7.68 -2.07 44.43
C LYS B 62 8.24 -3.43 44.88
N LYS B 63 7.37 -4.36 45.26
CA LYS B 63 7.85 -5.63 45.81
C LYS B 63 8.31 -6.60 44.73
N SER B 64 7.63 -6.63 43.59
CA SER B 64 8.02 -7.48 42.47
C SER B 64 8.90 -6.77 41.45
N GLU B 65 8.90 -5.44 41.43
CA GLU B 65 9.51 -4.65 40.37
C GLU B 65 8.94 -5.03 39.01
N ALA B 66 7.70 -5.47 39.00
CA ALA B 66 6.98 -5.73 37.77
C ALA B 66 6.42 -4.43 37.22
N LEU B 67 6.66 -4.17 35.94
CA LEU B 67 6.00 -3.07 35.25
C LEU B 67 4.55 -3.46 35.01
N VAL B 68 3.63 -2.75 35.64
CA VAL B 68 2.22 -3.09 35.65
C VAL B 68 1.47 -2.14 34.73
N PHE B 69 0.63 -2.69 33.87
CA PHE B 69 -0.31 -1.93 33.06
C PHE B 69 -1.71 -2.35 33.42
N LYS B 70 -2.55 -1.38 33.77
CA LYS B 70 -3.95 -1.66 34.04
C LYS B 70 -4.83 -0.72 33.21
N MET B 71 -6.03 -1.14 32.91
CA MET B 71 -7.01 -0.30 32.25
C MET B 71 -8.38 -0.89 32.39
N LYS B 72 -9.36 -0.04 32.52
CA LYS B 72 -10.72 -0.48 32.59
C LYS B 72 -11.48 0.04 31.40
N ASN B 73 -12.56 -0.66 31.08
CA ASN B 73 -13.53 -0.43 30.00
C ASN B 73 -13.08 -0.88 28.61
N ASP B 74 -14.03 -1.41 27.87
CA ASP B 74 -13.85 -1.90 26.53
C ASP B 74 -13.14 -0.92 25.65
N HIS B 75 -12.11 -1.41 25.02
CA HIS B 75 -11.31 -0.67 24.04
C HIS B 75 -10.71 0.61 24.59
N LEU B 76 -10.62 0.75 25.91
CA LEU B 76 -9.66 1.70 26.44
C LEU B 76 -8.30 1.03 26.53
N ARG B 77 -7.26 1.84 26.63
CA ARG B 77 -5.92 1.34 26.39
C ARG B 77 -4.94 1.95 27.37
N ASN B 78 -3.80 1.26 27.53
CA ASN B 78 -2.70 1.75 28.34
C ASN B 78 -1.46 1.01 27.82
N GLU B 79 -0.72 1.69 26.98
CA GLU B 79 0.38 1.07 26.31
C GLU B 79 1.58 1.94 26.07
N VAL B 80 2.72 1.30 26.08
CA VAL B 80 3.96 1.94 25.77
C VAL B 80 4.07 1.79 24.24
N ARG B 81 4.53 2.80 23.55
CA ARG B 81 4.65 2.69 22.10
C ARG B 81 6.01 3.07 21.60
N VAL B 82 6.74 2.07 21.18
CA VAL B 82 8.07 2.23 20.70
C VAL B 82 8.02 3.15 19.52
N HIS B 83 8.92 4.10 19.47
CA HIS B 83 8.81 5.18 18.49
C HIS B 83 9.25 4.79 17.09
N LYS B 84 10.12 3.78 16.96
CA LYS B 84 10.68 3.46 15.66
C LYS B 84 9.59 2.90 14.74
N ASN B 85 9.35 3.58 13.62
CA ASN B 85 8.50 3.04 12.56
C ASN B 85 9.44 2.34 11.59
N PHE B 86 9.48 1.01 11.65
CA PHE B 86 10.49 0.27 10.91
C PHE B 86 9.93 -0.44 9.69
N ARG B 87 10.80 -0.66 8.72
CA ARG B 87 10.47 -1.52 7.60
C ARG B 87 10.52 -2.97 8.05
N THR B 88 9.62 -3.76 7.49
CA THR B 88 9.52 -5.18 7.83
C THR B 88 10.11 -6.08 6.76
N ASP B 89 10.51 -5.53 5.60
CA ASP B 89 10.85 -6.34 4.45
C ASP B 89 12.34 -6.39 4.14
N LEU B 90 13.16 -5.81 4.94
CA LEU B 90 14.56 -5.77 4.56
C LEU B 90 15.35 -6.89 5.24
N PRO B 91 16.24 -7.55 4.48
CA PRO B 91 16.96 -8.70 5.04
C PRO B 91 17.98 -8.31 6.10
N ASN B 92 18.51 -7.09 6.05
CA ASN B 92 19.58 -6.66 6.93
C ASN B 92 19.08 -5.83 8.11
N LYS B 93 17.77 -5.84 8.37
CA LYS B 93 17.18 -5.06 9.45
C LYS B 93 16.12 -5.89 10.17
N LEU B 94 16.40 -6.27 11.42
CA LEU B 94 15.48 -7.03 12.25
C LEU B 94 15.16 -6.23 13.50
N TYR B 95 13.91 -6.28 13.94
CA TYR B 95 13.45 -5.50 15.08
C TYR B 95 12.80 -6.45 16.06
N THR B 96 13.25 -6.41 17.31
CA THR B 96 12.83 -7.38 18.32
C THR B 96 12.24 -6.70 19.53
N LEU B 97 11.06 -7.15 19.93
CA LEU B 97 10.44 -6.82 21.21
C LEU B 97 10.51 -8.05 22.09
N SER B 98 11.09 -7.92 23.29
CA SER B 98 11.23 -9.03 24.23
C SER B 98 10.53 -8.70 25.55
N ALA B 99 9.57 -9.53 25.92
CA ALA B 99 8.77 -9.29 27.11
C ALA B 99 8.65 -10.58 27.91
N GLU B 100 8.45 -10.43 29.22
CA GLU B 100 8.02 -11.51 30.09
C GLU B 100 6.81 -11.00 30.85
N VAL B 101 5.68 -11.70 30.74
CA VAL B 101 4.40 -11.12 31.11
C VAL B 101 3.57 -12.14 31.87
N GLU B 102 2.85 -11.65 32.86
CA GLU B 102 1.81 -12.41 33.55
C GLU B 102 0.53 -11.59 33.52
N ILE B 103 -0.57 -12.21 33.12
CA ILE B 103 -1.88 -11.57 33.11
C ILE B 103 -2.57 -11.89 34.42
N ILE B 104 -2.87 -10.86 35.20
CA ILE B 104 -3.33 -11.04 36.59
C ILE B 104 -4.83 -11.30 36.58
N ASP B 105 -5.22 -12.47 37.06
CA ASP B 105 -6.61 -12.87 37.26
C ASP B 105 -7.51 -12.42 36.10
N PRO B 106 -7.18 -12.80 34.86
CA PRO B 106 -7.97 -12.32 33.72
C PRO B 106 -9.42 -12.78 33.74
N VAL B 107 -9.68 -13.99 34.24
CA VAL B 107 -11.06 -14.48 34.34
C VAL B 107 -11.93 -13.50 35.12
N ALA B 108 -11.38 -12.89 36.17
CA ALA B 108 -12.15 -11.96 37.00
C ALA B 108 -12.35 -10.62 36.29
N SER B 109 -11.34 -10.19 35.52
CA SER B 109 -11.50 -9.01 34.68
C SER B 109 -12.74 -9.11 33.81
N MET B 110 -13.04 -10.31 33.30
CA MET B 110 -14.10 -10.49 32.33
C MET B 110 -15.37 -11.07 32.95
N LYS B 111 -15.49 -11.03 34.28
CA LYS B 111 -16.66 -11.59 34.96
C LYS B 111 -17.96 -11.08 34.36
N ASN B 112 -18.09 -9.76 34.27
CA ASN B 112 -19.30 -9.13 33.76
C ASN B 112 -19.15 -8.66 32.32
N SER B 113 -18.43 -9.43 31.50
CA SER B 113 -18.19 -9.03 30.12
C SER B 113 -19.29 -9.54 29.19
N ASN B 114 -19.89 -8.61 28.44
CA ASN B 114 -20.89 -8.88 27.43
C ASN B 114 -20.29 -8.89 26.02
N SER B 115 -19.00 -9.18 25.89
CA SER B 115 -18.31 -9.13 24.61
C SER B 115 -18.17 -10.53 24.00
N LYS B 116 -18.33 -10.61 22.68
CA LYS B 116 -18.08 -11.87 21.97
C LYS B 116 -16.59 -12.15 21.83
N GLN B 117 -15.75 -11.14 21.99
CA GLN B 117 -14.30 -11.28 21.80
C GLN B 117 -13.61 -11.75 23.08
N ASN B 118 -13.70 -10.95 24.15
CA ASN B 118 -13.16 -11.30 25.46
C ASN B 118 -11.68 -11.64 25.37
N GLU B 119 -10.90 -10.65 24.98
CA GLU B 119 -9.46 -10.77 24.84
C GLU B 119 -8.79 -9.61 25.57
N ILE B 120 -7.56 -9.84 26.01
CA ILE B 120 -6.68 -8.79 26.51
C ILE B 120 -5.48 -8.78 25.58
N THR B 121 -5.32 -7.69 24.81
CA THR B 121 -4.16 -7.53 23.94
C THR B 121 -3.05 -6.85 24.73
N PHE B 122 -1.89 -7.50 24.82
CA PHE B 122 -0.80 -6.93 25.60
C PHE B 122 0.50 -6.75 24.83
N LEU B 123 0.58 -7.23 23.59
CA LEU B 123 1.69 -6.96 22.68
C LEU B 123 1.10 -6.77 21.29
N GLN B 124 1.54 -5.73 20.57
CA GLN B 124 1.09 -5.47 19.21
C GLN B 124 2.27 -5.10 18.31
N VAL B 125 2.18 -5.53 17.05
CA VAL B 125 2.91 -4.91 15.94
C VAL B 125 1.85 -4.23 15.08
N HIS B 126 1.88 -2.91 15.01
CA HIS B 126 0.93 -2.17 14.22
C HIS B 126 1.65 -1.54 13.04
N ASN B 127 0.91 -0.94 12.14
CA ASN B 127 1.54 -0.20 11.06
C ASN B 127 1.25 1.28 11.24
N LYS B 128 2.29 2.09 11.00
CA LYS B 128 2.10 3.53 10.87
C LYS B 128 1.39 3.85 9.57
N GLY B 129 1.88 3.30 8.47
CA GLY B 129 1.39 3.62 7.15
C GLY B 129 2.54 3.57 6.16
N LEU B 130 2.34 4.22 5.02
CA LEU B 130 3.38 4.27 4.00
C LEU B 130 4.61 5.04 4.47
N ASP B 131 4.43 5.98 5.41
CA ASP B 131 5.49 6.90 5.80
C ASP B 131 5.39 7.19 7.29
N ASN B 132 6.31 7.99 7.81
CA ASN B 132 6.31 8.31 9.23
C ASN B 132 5.16 9.23 9.62
N GLN B 133 4.43 9.76 8.65
CA GLN B 133 3.28 10.62 8.91
C GLN B 133 1.98 9.83 9.03
N GLY B 134 2.01 8.52 8.78
CA GLY B 134 0.80 7.71 8.82
C GLY B 134 -0.03 7.72 7.56
N THR B 135 0.53 8.12 6.41
CA THR B 135 -0.26 8.15 5.17
C THR B 135 -0.79 6.76 4.84
N HIS B 136 -2.09 6.67 4.55
CA HIS B 136 -2.72 5.40 4.22
C HIS B 136 -2.48 4.36 5.32
N ASN B 137 -2.71 4.78 6.56
CA ASN B 137 -2.68 3.83 7.65
C ASN B 137 -3.72 2.73 7.42
N VAL B 138 -3.33 1.49 7.64
CA VAL B 138 -4.25 0.36 7.65
C VAL B 138 -4.70 0.17 9.09
N PRO B 139 -6.01 0.29 9.39
CA PRO B 139 -6.45 0.25 10.80
C PRO B 139 -6.55 -1.15 11.37
N HIS B 140 -5.60 -2.01 11.00
CA HIS B 140 -5.50 -3.35 11.52
C HIS B 140 -4.03 -3.54 11.87
N PRO B 141 -3.71 -3.94 13.10
CA PRO B 141 -2.31 -4.26 13.42
C PRO B 141 -1.87 -5.55 12.73
N LEU B 142 -0.59 -5.60 12.37
CA LEU B 142 -0.04 -6.85 11.88
C LEU B 142 -0.24 -7.99 12.89
N LEU B 143 0.02 -7.71 14.18
CA LEU B 143 0.01 -8.74 15.21
C LEU B 143 -0.67 -8.22 16.48
N ARG B 144 -1.57 -9.02 17.04
CA ARG B 144 -2.01 -8.85 18.42
C ARG B 144 -1.69 -10.13 19.18
N VAL B 145 -0.90 -10.00 20.25
CA VAL B 145 -0.66 -11.12 21.16
C VAL B 145 -1.61 -10.93 22.35
N VAL B 146 -2.51 -11.89 22.54
CA VAL B 146 -3.67 -11.71 23.41
C VAL B 146 -3.77 -12.83 24.43
N TRP B 147 -4.41 -12.52 25.54
CA TRP B 147 -4.98 -13.53 26.42
C TRP B 147 -6.45 -13.64 26.04
N LYS B 148 -6.89 -14.85 25.69
CA LYS B 148 -8.25 -15.04 25.20
C LYS B 148 -8.99 -15.97 26.16
N GLU B 149 -10.16 -15.53 26.61
CA GLU B 149 -10.93 -16.31 27.59
C GLU B 149 -11.31 -17.67 27.03
N ASP B 150 -12.09 -17.69 25.96
CA ASP B 150 -12.66 -18.92 25.41
C ASP B 150 -12.53 -18.89 23.89
N ALA B 151 -11.61 -19.70 23.35
CA ALA B 151 -11.46 -19.87 21.90
C ALA B 151 -11.96 -21.28 21.57
N ASN B 152 -13.25 -21.39 21.25
CA ASN B 152 -13.88 -22.65 20.87
C ASN B 152 -13.65 -23.75 21.92
N SER B 153 -13.84 -23.37 23.19
CA SER B 153 -13.73 -24.18 24.40
C SER B 153 -12.29 -24.29 24.91
N VAL B 154 -11.32 -23.71 24.22
CA VAL B 154 -9.94 -23.67 24.71
C VAL B 154 -9.81 -22.43 25.60
N LYS B 155 -9.57 -22.66 26.89
CA LYS B 155 -9.68 -21.60 27.88
C LYS B 155 -8.32 -21.05 28.28
N GLY B 156 -8.26 -19.73 28.45
CA GLY B 156 -7.10 -19.09 29.04
C GLY B 156 -5.81 -19.35 28.29
N HIS B 157 -5.86 -19.37 26.97
CA HIS B 157 -4.66 -19.53 26.16
C HIS B 157 -4.17 -18.20 25.64
N PHE B 158 -2.85 -18.15 25.41
CA PHE B 158 -2.23 -17.09 24.65
C PHE B 158 -2.45 -17.35 23.17
N TRP B 159 -2.70 -16.29 22.41
CA TRP B 159 -2.89 -16.40 20.97
C TRP B 159 -2.16 -15.27 20.24
N ALA B 160 -1.67 -15.59 19.04
CA ALA B 160 -1.19 -14.59 18.09
C ALA B 160 -2.24 -14.42 17.01
N MET B 161 -2.89 -13.25 16.97
CA MET B 161 -3.79 -12.87 15.89
C MET B 161 -2.98 -12.08 14.87
N VAL B 162 -2.78 -12.66 13.68
CA VAL B 162 -1.92 -12.10 12.64
C VAL B 162 -2.79 -11.66 11.48
N LYS B 163 -2.74 -10.36 11.16
CA LYS B 163 -3.39 -9.84 9.97
C LYS B 163 -2.66 -10.35 8.74
N ASN B 164 -3.37 -11.04 7.84
CA ASN B 164 -2.73 -11.84 6.80
C ASN B 164 -2.83 -11.22 5.41
N ASN B 165 -3.24 -9.96 5.30
CA ASN B 165 -3.09 -9.19 4.06
C ASN B 165 -2.99 -7.73 4.46
N ALA B 166 -2.87 -6.85 3.48
CA ALA B 166 -2.72 -5.42 3.75
C ALA B 166 -3.97 -4.63 3.38
N VAL B 167 -5.14 -5.25 3.55
CA VAL B 167 -6.39 -4.72 3.03
C VAL B 167 -7.14 -4.02 4.17
N ILE B 168 -7.66 -2.83 3.90
CA ILE B 168 -8.50 -2.13 4.87
C ILE B 168 -9.88 -2.77 4.84
N CYS B 169 -10.32 -3.31 5.98
CA CYS B 169 -11.56 -4.07 6.03
C CYS B 169 -12.63 -3.44 6.91
N LYS B 170 -12.41 -2.23 7.42
CA LYS B 170 -13.42 -1.58 8.26
C LYS B 170 -13.25 -0.08 8.15
N GLY B 171 -14.21 0.65 8.70
CA GLY B 171 -14.14 2.10 8.71
C GLY B 171 -14.48 2.73 7.38
N SER B 172 -14.22 4.04 7.30
CA SER B 172 -14.59 4.83 6.13
C SER B 172 -13.91 4.31 4.88
N PHE B 173 -12.66 3.86 5.00
CA PHE B 173 -11.88 3.41 3.85
C PHE B 173 -11.96 1.91 3.63
N GLY B 174 -12.92 1.23 4.25
CA GLY B 174 -13.07 -0.20 4.03
C GLY B 174 -14.40 -0.61 3.39
N LYS B 175 -15.26 0.35 3.07
CA LYS B 175 -16.59 0.01 2.57
C LYS B 175 -16.51 -0.91 1.36
N LYS B 176 -15.62 -0.60 0.42
CA LYS B 176 -15.52 -1.39 -0.80
C LYS B 176 -14.97 -2.78 -0.54
N ASN B 177 -14.29 -3.00 0.59
CA ASN B 177 -13.63 -4.27 0.87
C ASN B 177 -14.37 -5.15 1.87
N LYS B 178 -15.13 -4.56 2.80
CA LYS B 178 -15.55 -5.26 4.03
C LYS B 178 -16.38 -6.51 3.76
N ASP B 179 -17.05 -6.60 2.60
CA ASP B 179 -17.87 -7.75 2.29
C ASP B 179 -17.23 -8.67 1.27
N LYS B 180 -15.95 -8.44 0.94
CA LYS B 180 -15.22 -9.28 0.01
C LYS B 180 -14.56 -10.43 0.75
N GLU B 181 -14.21 -11.47 -0.01
CA GLU B 181 -13.65 -12.67 0.61
C GLU B 181 -12.36 -12.37 1.38
N MET B 182 -11.49 -11.51 0.83
CA MET B 182 -10.24 -11.16 1.50
C MET B 182 -10.47 -10.61 2.91
N CYS B 183 -11.64 -10.03 3.17
CA CYS B 183 -11.91 -9.42 4.47
C CYS B 183 -12.68 -10.34 5.42
N LYS B 184 -12.85 -11.61 5.07
CA LYS B 184 -13.52 -12.54 5.98
C LYS B 184 -12.60 -12.91 7.14
N ALA B 185 -13.22 -13.09 8.32
CA ALA B 185 -12.44 -13.23 9.55
C ALA B 185 -11.37 -14.31 9.43
N ASP B 186 -11.72 -15.44 8.82
CA ASP B 186 -10.77 -16.53 8.73
C ASP B 186 -9.90 -16.47 7.48
N VAL B 187 -10.06 -15.43 6.67
CA VAL B 187 -9.15 -15.14 5.58
C VAL B 187 -8.19 -14.01 5.95
N ALA B 188 -8.74 -12.90 6.46
CA ALA B 188 -7.92 -11.74 6.81
C ALA B 188 -6.97 -12.03 7.98
N TYR B 189 -7.26 -13.01 8.84
CA TYR B 189 -6.46 -13.27 10.05
C TYR B 189 -6.04 -14.73 10.13
N LYS B 190 -4.79 -14.94 10.55
CA LYS B 190 -4.28 -16.25 10.89
C LYS B 190 -4.07 -16.29 12.41
N LYS B 191 -4.61 -17.31 13.07
CA LYS B 191 -4.62 -17.36 14.53
C LYS B 191 -3.72 -18.51 14.99
N TYR B 192 -2.72 -18.17 15.80
CA TYR B 192 -1.75 -19.14 16.30
C TYR B 192 -1.98 -19.37 17.80
N ASP B 193 -2.28 -20.61 18.18
CA ASP B 193 -2.40 -20.98 19.60
C ASP B 193 -1.02 -21.00 20.22
N LEU B 194 -0.75 -20.07 21.15
CA LEU B 194 0.56 -19.98 21.79
C LEU B 194 0.62 -20.69 23.14
N GLY B 195 -0.31 -21.60 23.40
CA GLY B 195 -0.28 -22.40 24.60
C GLY B 195 -1.03 -21.79 25.79
N LYS B 196 -1.21 -22.62 26.81
CA LYS B 196 -1.94 -22.22 28.00
C LYS B 196 -1.23 -21.07 28.72
N ALA B 197 -2.01 -20.10 29.15
CA ALA B 197 -1.45 -19.01 29.95
C ALA B 197 -1.36 -19.44 31.40
N PRO B 198 -0.17 -19.50 31.99
CA PRO B 198 -0.04 -19.96 33.38
C PRO B 198 -0.38 -18.87 34.38
N LEU B 199 -0.90 -19.29 35.53
CA LEU B 199 -1.12 -18.39 36.65
C LEU B 199 0.14 -18.29 37.49
N ASN B 200 0.40 -17.08 38.00
CA ASN B 200 1.45 -16.79 38.97
C ASN B 200 2.84 -17.04 38.42
N LYS B 201 2.95 -17.18 37.10
CA LYS B 201 4.20 -17.41 36.42
C LYS B 201 4.26 -16.49 35.20
N ALA B 202 5.46 -16.05 34.86
CA ALA B 202 5.67 -15.21 33.70
C ALA B 202 5.95 -16.05 32.46
N THR B 203 5.66 -15.48 31.29
CA THR B 203 5.90 -16.14 30.02
C THR B 203 6.76 -15.24 29.15
N ALA B 204 7.76 -15.82 28.49
CA ALA B 204 8.66 -15.06 27.65
C ALA B 204 8.12 -14.98 26.23
N PHE B 205 7.99 -13.76 25.71
CA PHE B 205 7.64 -13.54 24.31
C PHE B 205 8.78 -12.80 23.64
N ASP B 206 9.27 -13.36 22.53
CA ASP B 206 10.27 -12.71 21.69
C ASP B 206 9.68 -12.55 20.29
N ILE B 207 9.39 -11.31 19.91
CA ILE B 207 8.80 -10.99 18.62
C ILE B 207 9.88 -10.32 17.77
N THR B 208 10.16 -10.91 16.60
CA THR B 208 11.16 -10.37 15.68
C THR B 208 10.50 -10.09 14.34
N VAL B 209 10.54 -8.82 13.92
CA VAL B 209 9.98 -8.38 12.66
C VAL B 209 11.12 -7.89 11.78
N GLY B 210 11.08 -8.29 10.51
CA GLY B 210 12.09 -7.91 9.55
C GLY B 210 12.34 -9.04 8.57
N ASN B 211 12.97 -8.71 7.44
CA ASN B 211 13.31 -9.69 6.43
C ASN B 211 12.07 -10.41 5.88
N LYS B 212 10.94 -9.70 5.82
CA LYS B 212 9.66 -10.25 5.35
C LYS B 212 9.17 -11.42 6.22
N GLN B 213 9.48 -11.37 7.52
CA GLN B 213 9.08 -12.41 8.44
C GLN B 213 8.54 -11.82 9.73
N LEU B 214 7.47 -12.42 10.24
CA LEU B 214 7.02 -12.21 11.60
C LEU B 214 7.32 -13.48 12.40
N ILE B 215 8.20 -13.36 13.39
CA ILE B 215 8.68 -14.50 14.18
C ILE B 215 8.29 -14.28 15.64
N ILE B 216 7.75 -15.32 16.28
CA ILE B 216 7.39 -15.26 17.69
C ILE B 216 7.94 -16.49 18.41
N ASP B 217 8.81 -16.27 19.39
CA ASP B 217 9.22 -17.29 20.33
C ASP B 217 8.43 -17.13 21.63
N VAL B 218 7.90 -18.24 22.15
CA VAL B 218 7.25 -18.26 23.46
C VAL B 218 8.01 -19.23 24.37
N ASP B 219 8.59 -18.68 25.43
CA ASP B 219 9.42 -19.46 26.37
C ASP B 219 10.59 -20.13 25.63
N GLY B 220 11.13 -19.41 24.65
CA GLY B 220 12.23 -19.91 23.87
C GLY B 220 11.85 -20.91 22.80
N LYS B 221 10.57 -21.26 22.69
CA LYS B 221 10.10 -22.16 21.64
C LYS B 221 9.54 -21.33 20.48
N ARG B 222 9.91 -21.72 19.26
CA ARG B 222 9.56 -20.98 18.04
C ARG B 222 8.18 -21.43 17.58
N LEU B 223 7.13 -20.63 17.88
CA LEU B 223 5.76 -20.99 17.55
C LEU B 223 5.14 -20.24 16.37
N VAL B 224 5.69 -19.09 15.98
CA VAL B 224 5.19 -18.37 14.82
C VAL B 224 6.38 -18.04 13.94
N GLU B 225 6.23 -18.30 12.64
CA GLU B 225 7.26 -17.97 11.66
C GLU B 225 6.54 -17.69 10.34
N HIS B 226 6.09 -16.45 10.18
CA HIS B 226 5.05 -16.10 9.23
C HIS B 226 5.59 -15.14 8.17
N ASP B 227 5.49 -15.53 6.91
CA ASP B 227 5.92 -14.67 5.81
C ASP B 227 4.98 -13.48 5.68
N ILE B 228 5.56 -12.28 5.63
CA ILE B 228 4.76 -11.06 5.61
C ILE B 228 5.18 -10.21 4.42
N ASP B 229 5.46 -10.86 3.30
CA ASP B 229 5.73 -10.17 2.05
C ASP B 229 4.61 -9.18 1.73
N TYR B 230 3.36 -9.55 2.04
CA TYR B 230 2.20 -8.73 1.71
C TYR B 230 2.21 -7.39 2.45
N TRP B 231 2.98 -7.29 3.52
CA TRP B 231 3.04 -6.12 4.39
C TRP B 231 4.18 -5.18 4.03
N ARG B 232 4.99 -5.54 3.02
CA ARG B 232 6.30 -4.92 2.84
C ARG B 232 6.27 -3.40 2.78
N HIS B 233 5.16 -2.82 2.32
CA HIS B 233 5.08 -1.38 2.16
C HIS B 233 4.77 -0.63 3.45
N LEU B 234 4.41 -1.31 4.52
CA LEU B 234 3.85 -0.66 5.71
C LEU B 234 4.93 -0.51 6.78
N LEU B 235 5.31 0.74 7.05
CA LEU B 235 6.16 1.02 8.21
C LEU B 235 5.42 0.57 9.47
N SER B 236 6.11 -0.19 10.33
CA SER B 236 5.44 -0.86 11.43
C SER B 236 6.12 -0.53 12.77
N TYR B 237 5.43 -0.80 13.86
CA TYR B 237 5.95 -0.44 15.18
C TYR B 237 5.38 -1.36 16.26
N PHE B 238 6.00 -1.28 17.43
CA PHE B 238 5.71 -2.12 18.58
C PHE B 238 4.85 -1.38 19.59
N LYS B 239 3.92 -2.10 20.23
CA LYS B 239 3.17 -1.64 21.39
C LYS B 239 3.16 -2.75 22.43
N ALA B 240 3.16 -2.36 23.70
CA ALA B 240 3.02 -3.31 24.80
C ALA B 240 2.32 -2.62 25.96
N GLY B 241 1.41 -3.35 26.59
CA GLY B 241 0.68 -2.87 27.75
C GLY B 241 -0.61 -3.64 27.88
N VAL B 242 -1.73 -2.93 27.92
CA VAL B 242 -3.03 -3.57 27.91
C VAL B 242 -3.93 -2.82 26.95
N TYR B 243 -4.74 -3.57 26.22
CA TYR B 243 -5.78 -3.03 25.37
C TYR B 243 -6.96 -3.98 25.49
N ASN B 244 -8.11 -3.46 25.89
CA ASN B 244 -9.22 -4.28 26.36
C ASN B 244 -10.17 -4.66 25.22
N GLN B 245 -10.37 -5.96 25.02
CA GLN B 245 -11.49 -6.41 24.20
C GLN B 245 -12.45 -7.23 25.06
N PHE B 246 -13.07 -6.56 26.02
CA PHE B 246 -14.04 -7.15 26.95
C PHE B 246 -14.67 -5.99 27.69
N THR B 247 -15.85 -6.23 28.26
CA THR B 247 -16.60 -5.12 28.82
C THR B 247 -16.63 -5.15 30.34
N ASN B 248 -16.69 -3.93 30.91
CA ASN B 248 -16.98 -3.69 32.32
C ASN B 248 -16.00 -4.44 33.23
N GLY B 249 -14.71 -4.37 32.92
CA GLY B 249 -13.70 -4.95 33.77
C GLY B 249 -12.41 -4.18 33.73
N MET B 250 -11.51 -4.56 34.63
CA MET B 250 -10.16 -3.98 34.70
C MET B 250 -9.16 -5.05 34.31
N SER B 251 -8.35 -4.77 33.30
CA SER B 251 -7.26 -5.67 32.93
C SER B 251 -6.01 -5.31 33.71
N GLU B 252 -5.14 -6.30 33.88
CA GLU B 252 -3.88 -6.05 34.57
C GLU B 252 -2.83 -7.02 34.07
N ALA B 253 -1.71 -6.48 33.62
CA ALA B 253 -0.60 -7.27 33.11
C ALA B 253 0.66 -6.83 33.83
N HIS B 254 1.50 -7.80 34.17
CA HIS B 254 2.74 -7.52 34.89
C HIS B 254 3.90 -7.90 33.99
N PHE B 255 4.75 -6.92 33.66
CA PHE B 255 5.92 -7.14 32.83
C PHE B 255 7.15 -7.20 33.72
N ASN B 256 7.70 -8.41 33.89
CA ASN B 256 9.00 -8.57 34.52
C ASN B 256 10.13 -8.05 33.65
N LYS B 257 9.90 -7.98 32.34
CA LYS B 257 10.93 -7.66 31.36
C LYS B 257 10.26 -7.02 30.16
N LEU B 258 10.81 -5.92 29.68
CA LEU B 258 10.30 -5.29 28.46
C LEU B 258 11.48 -4.61 27.80
N GLU B 259 11.95 -5.18 26.69
CA GLU B 259 13.09 -4.66 25.96
C GLU B 259 12.77 -4.55 24.47
N TYR B 260 13.28 -3.49 23.84
CA TYR B 260 13.21 -3.31 22.41
C TYR B 260 14.63 -3.24 21.86
N LYS B 261 14.88 -3.96 20.77
CA LYS B 261 16.22 -4.05 20.21
C LYS B 261 16.12 -4.01 18.68
N ALA B 262 16.88 -3.11 18.07
CA ALA B 262 16.97 -3.00 16.62
C ALA B 262 18.32 -3.54 16.17
N LEU B 263 18.31 -4.48 15.23
CA LEU B 263 19.53 -5.05 14.68
C LEU B 263 19.65 -4.69 13.20
N GLU B 264 20.41 -3.65 12.92
CA GLU B 264 20.57 -3.13 11.56
C GLU B 264 22.03 -3.27 11.10
C1 SIN C . -2.40 11.14 -12.63
O1 SIN C . -1.32 10.66 -12.24
O2 SIN C . -3.20 11.59 -11.77
C2 SIN C . -2.72 11.17 -14.12
C3 SIN C . -3.33 12.51 -14.48
C4 SIN C . -3.64 12.67 -15.97
O3 SIN C . -3.19 13.68 -16.56
O4 SIN C . -4.32 11.84 -16.61
C1 GOL D . -8.89 -1.16 -14.86
O1 GOL D . -10.25 -1.55 -14.80
C2 GOL D . -8.11 -2.38 -15.32
O2 GOL D . -7.07 -2.73 -14.50
C3 GOL D . -7.53 -2.11 -16.66
O3 GOL D . -7.63 -3.40 -17.17
C1 SIN E . -9.43 -5.28 17.45
O1 SIN E . -9.78 -6.42 17.84
O2 SIN E . -9.07 -4.41 18.28
C2 SIN E . -9.44 -4.95 15.98
C3 SIN E . -8.07 -5.22 15.37
C4 SIN E . -8.21 -5.35 13.87
O3 SIN E . -9.12 -4.74 13.25
O4 SIN E . -7.43 -6.09 13.25
C1 GOL F . 1.37 7.10 17.36
O1 GOL F . 1.58 5.77 17.69
C2 GOL F . 0.57 6.95 16.11
O2 GOL F . 1.05 5.74 15.60
C3 GOL F . -0.89 6.73 16.44
O3 GOL F . -1.55 7.97 16.32
#